data_7L98
# 
_entry.id   7L98 
# 
_audit_conform.dict_name       mmcif_pdbx.dic 
_audit_conform.dict_version    5.398 
_audit_conform.dict_location   http://mmcif.pdb.org/dictionaries/ascii/mmcif_pdbx.dic 
# 
loop_
_database_2.database_id 
_database_2.database_code 
_database_2.pdbx_database_accession 
_database_2.pdbx_DOI 
PDB   7L98         pdb_00007l98 10.2210/pdb7l98/pdb 
WWPDB D_1000253912 ?            ?                   
BMRB  30839        ?            10.13018/BMR30839   
# 
loop_
_pdbx_audit_revision_history.ordinal 
_pdbx_audit_revision_history.data_content_type 
_pdbx_audit_revision_history.major_revision 
_pdbx_audit_revision_history.minor_revision 
_pdbx_audit_revision_history.revision_date 
1 'Structure model' 1 0 2021-09-08 
2 'Structure model' 2 0 2023-11-15 
3 'Structure model' 2 1 2024-11-13 
# 
_pdbx_audit_revision_details.ordinal             1 
_pdbx_audit_revision_details.revision_ordinal    1 
_pdbx_audit_revision_details.data_content_type   'Structure model' 
_pdbx_audit_revision_details.provider            repository 
_pdbx_audit_revision_details.type                'Initial release' 
_pdbx_audit_revision_details.description         ? 
_pdbx_audit_revision_details.details             ? 
# 
loop_
_pdbx_audit_revision_group.ordinal 
_pdbx_audit_revision_group.revision_ordinal 
_pdbx_audit_revision_group.data_content_type 
_pdbx_audit_revision_group.group 
1  2 'Structure model' 'Atomic model'               
2  2 'Structure model' 'Author supporting evidence' 
3  2 'Structure model' 'Data collection'            
4  2 'Structure model' 'Database references'        
5  2 'Structure model' 'Derived calculations'       
6  2 'Structure model' 'Experimental preparation'   
7  2 'Structure model' Other                        
8  2 'Structure model' 'Source and taxonomy'        
9  2 'Structure model' 'Structure summary'          
10 3 'Structure model' 'Database references'        
11 3 'Structure model' 'Structure summary'          
# 
loop_
_pdbx_audit_revision_category.ordinal 
_pdbx_audit_revision_category.revision_ordinal 
_pdbx_audit_revision_category.data_content_type 
_pdbx_audit_revision_category.category 
1  2 'Structure model' atom_site                    
2  2 'Structure model' chem_comp_atom               
3  2 'Structure model' chem_comp_bond               
4  2 'Structure model' pdbx_contact_author          
5  2 'Structure model' pdbx_database_status         
6  2 'Structure model' pdbx_entity_instance_feature 
7  2 'Structure model' pdbx_entity_src_syn          
8  2 'Structure model' pdbx_nmr_exptl_sample        
9  2 'Structure model' pdbx_nmr_sample_details      
10 2 'Structure model' pdbx_nmr_software            
11 2 'Structure model' pdbx_poly_seq_scheme         
12 2 'Structure model' struct_conn                  
13 2 'Structure model' struct_mon_prot_cis          
14 2 'Structure model' struct_ref_seq               
15 3 'Structure model' database_2                   
16 3 'Structure model' pdbx_entry_details           
17 3 'Structure model' pdbx_modification_feature    
# 
loop_
_pdbx_audit_revision_item.ordinal 
_pdbx_audit_revision_item.revision_ordinal 
_pdbx_audit_revision_item.data_content_type 
_pdbx_audit_revision_item.item 
1  2 'Structure model' '_atom_site.auth_atom_id'                      
2  2 'Structure model' '_atom_site.auth_seq_id'                       
3  2 'Structure model' '_atom_site.label_atom_id'                     
4  2 'Structure model' '_pdbx_database_status.status_code_nmr_data'   
5  2 'Structure model' '_pdbx_entity_src_syn.organism_common_name'    
6  2 'Structure model' '_pdbx_nmr_exptl_sample.component'             
7  2 'Structure model' '_pdbx_nmr_sample_details.contents'            
8  2 'Structure model' '_pdbx_nmr_software.ordinal'                   
9  2 'Structure model' '_pdbx_poly_seq_scheme.pdb_seq_num'            
10 2 'Structure model' '_struct_conn.ptnr1_auth_seq_id'               
11 2 'Structure model' '_struct_conn.ptnr2_auth_seq_id'               
12 2 'Structure model' '_struct_conn.ptnr2_label_atom_id'             
13 2 'Structure model' '_struct_mon_prot_cis.auth_seq_id'             
14 2 'Structure model' '_struct_mon_prot_cis.pdbx_auth_seq_id_2'      
15 2 'Structure model' '_struct_ref_seq.db_align_end'                 
16 2 'Structure model' '_struct_ref_seq.pdbx_auth_seq_align_end'      
17 3 'Structure model' '_database_2.pdbx_DOI'                         
18 3 'Structure model' '_pdbx_entry_details.has_protein_modification' 
# 
_pdbx_database_status.status_code                     REL 
_pdbx_database_status.status_code_sf                  ? 
_pdbx_database_status.status_code_mr                  REL 
_pdbx_database_status.entry_id                        7L98 
_pdbx_database_status.recvd_initial_deposition_date   2021-01-03 
_pdbx_database_status.SG_entry                        N 
_pdbx_database_status.deposit_site                    RCSB 
_pdbx_database_status.process_site                    RCSB 
_pdbx_database_status.status_code_cs                  REL 
_pdbx_database_status.status_code_nmr_data            REL 
_pdbx_database_status.methods_development_category    ? 
_pdbx_database_status.pdb_format_compatible           Y 
# 
_pdbx_database_related.db_name        BMRB 
_pdbx_database_related.details        'Connecting hydrophobic surfaces in cyclic peptides increases membrane permeability' 
_pdbx_database_related.db_id          30839 
_pdbx_database_related.content_type   unspecified 
# 
_pdbx_contact_author.id                 2 
_pdbx_contact_author.email              h.hoang@uq.edu.au 
_pdbx_contact_author.name_first         Huy 
_pdbx_contact_author.name_last          Hoang 
_pdbx_contact_author.name_mi            n 
_pdbx_contact_author.role               'principal investigator/group leader' 
_pdbx_contact_author.identifier_ORCID   0000-0002-7124-6097 
# 
_audit_author.name               'Hoang, H.N.' 
_audit_author.pdbx_ordinal       1 
_audit_author.identifier_ORCID   0000-0002-7124-6097 
# 
_citation.abstract                  ? 
_citation.abstract_id_CAS           ? 
_citation.book_id_ISBN              ? 
_citation.book_publisher            ? 
_citation.book_publisher_city       ? 
_citation.book_title                ? 
_citation.coordinate_linkage        ? 
_citation.country                   GE 
_citation.database_id_Medline       ? 
_citation.details                   ? 
_citation.id                        primary 
_citation.journal_abbrev            Angew.Chem.Int.Ed.Engl. 
_citation.journal_id_ASTM           ACIEAY 
_citation.journal_id_CSD            0179 
_citation.journal_id_ISSN           1521-3773 
_citation.journal_full              ? 
_citation.journal_issue             ? 
_citation.journal_volume            60 
_citation.language                  ? 
_citation.page_first                8385 
_citation.page_last                 8390 
_citation.title                     'Connecting Hydrophobic Surfaces in Cyclic Peptides Increases Membrane Permeability.' 
_citation.year                      2021 
_citation.database_id_CSD           ? 
_citation.pdbx_database_id_DOI      10.1002/anie.202012643 
_citation.pdbx_database_id_PubMed   33185961 
_citation.pdbx_database_id_patent   ? 
_citation.unpublished_flag          ? 
# 
loop_
_citation_author.citation_id 
_citation_author.name 
_citation_author.ordinal 
_citation_author.identifier_ORCID 
primary 'Hoang, H.N.'   1 0000-0002-7124-6097 
primary 'Hill, T.A.'    2 0000-0001-9727-9930 
primary 'Fairlie, D.P.' 3 0000-0002-7856-8566 
# 
_entity.id                         1 
_entity.type                       polymer 
_entity.src_method                 syn 
_entity.pdbx_description           'Cyclic peptide ALA-MEA-PRO-ILE-PRO-ITZ' 
_entity.formula_weight             753.951 
_entity.pdbx_number_of_molecules   1 
_entity.pdbx_ec                    ? 
_entity.pdbx_mutation              ? 
_entity.pdbx_fragment              ? 
_entity.details                    ? 
# 
_entity_poly.entity_id                      1 
_entity_poly.type                           'polypeptide(L)' 
_entity_poly.nstd_linkage                   no 
_entity_poly.nstd_monomer                   yes 
_entity_poly.pdbx_seq_one_letter_code       'A(MEA)PIP(ITZ)' 
_entity_poly.pdbx_seq_one_letter_code_can   AFPIPX 
_entity_poly.pdbx_strand_id                 A 
_entity_poly.pdbx_target_identifier         ? 
# 
loop_
_entity_poly_seq.entity_id 
_entity_poly_seq.num 
_entity_poly_seq.mon_id 
_entity_poly_seq.hetero 
1 1 ALA n 
1 2 MEA n 
1 3 PRO n 
1 4 ILE n 
1 5 PRO n 
1 6 ITZ n 
# 
_pdbx_entity_src_syn.entity_id              1 
_pdbx_entity_src_syn.pdbx_src_id            1 
_pdbx_entity_src_syn.pdbx_alt_source_flag   sample 
_pdbx_entity_src_syn.pdbx_beg_seq_num       1 
_pdbx_entity_src_syn.pdbx_end_seq_num       6 
_pdbx_entity_src_syn.organism_scientific    'Homo sapiens' 
_pdbx_entity_src_syn.organism_common_name   human 
_pdbx_entity_src_syn.ncbi_taxonomy_id       9606 
_pdbx_entity_src_syn.details                ? 
# 
loop_
_chem_comp.id 
_chem_comp.type 
_chem_comp.mon_nstd_flag 
_chem_comp.name 
_chem_comp.pdbx_synonyms 
_chem_comp.formula 
_chem_comp.formula_weight 
ALA 'L-peptide linking' y ALANINE                                                            ? 'C3 H7 N O2'     89.093  
ILE 'L-peptide linking' y ISOLEUCINE                                                         ? 'C6 H13 N O2'    131.173 
ITZ peptide-like        . '2-[(1S,2S)-1-amino-2-methylbutyl]-1,3-thiazole-4-carboxylic acid' ? 'C9 H14 N2 O2 S' 214.285 
MEA 'L-peptide linking' n N-METHYLPHENYLALANINE                                              ? 'C10 H13 N O2'   179.216 
PRO 'L-peptide linking' y PROLINE                                                            ? 'C5 H9 N O2'     115.130 
# 
loop_
_pdbx_poly_seq_scheme.asym_id 
_pdbx_poly_seq_scheme.entity_id 
_pdbx_poly_seq_scheme.seq_id 
_pdbx_poly_seq_scheme.mon_id 
_pdbx_poly_seq_scheme.ndb_seq_num 
_pdbx_poly_seq_scheme.pdb_seq_num 
_pdbx_poly_seq_scheme.auth_seq_num 
_pdbx_poly_seq_scheme.pdb_mon_id 
_pdbx_poly_seq_scheme.auth_mon_id 
_pdbx_poly_seq_scheme.pdb_strand_id 
_pdbx_poly_seq_scheme.pdb_ins_code 
_pdbx_poly_seq_scheme.hetero 
A 1 1 ALA 1 1 1 ALA ALA A . n 
A 1 2 MEA 2 2 2 MEA NHE A . n 
A 1 3 PRO 3 3 3 PRO PRO A . n 
A 1 4 ILE 4 4 4 ILE ILE A . n 
A 1 5 PRO 5 5 5 PRO PRO A . n 
A 1 6 ITZ 6 6 6 ITZ ITZ A . n 
# 
_exptl.absorpt_coefficient_mu     ? 
_exptl.absorpt_correction_T_max   ? 
_exptl.absorpt_correction_T_min   ? 
_exptl.absorpt_correction_type    ? 
_exptl.absorpt_process_details    ? 
_exptl.entry_id                   7L98 
_exptl.crystals_number            ? 
_exptl.details                    ? 
_exptl.method                     'SOLUTION NMR' 
_exptl.method_details             ? 
# 
_struct.entry_id                     7L98 
_struct.title                        'Connecting hydrophobic surfaces in cyclic peptides increases membrane permeability' 
_struct.pdbx_model_details           ? 
_struct.pdbx_formula_weight          ? 
_struct.pdbx_formula_weight_method   ? 
_struct.pdbx_model_type_details      ? 
_struct.pdbx_CASP_flag               N 
# 
_struct_keywords.entry_id        7L98 
_struct_keywords.text            'cyclic peptides, PEPTIDE BINDING PROTEIN' 
_struct_keywords.pdbx_keywords   'PEPTIDE BINDING PROTEIN' 
# 
_struct_asym.id                            A 
_struct_asym.pdbx_blank_PDB_chainid_flag   N 
_struct_asym.pdbx_modified                 N 
_struct_asym.entity_id                     1 
_struct_asym.details                       ? 
# 
_struct_ref.id                         1 
_struct_ref.db_name                    PDB 
_struct_ref.db_code                    7L98 
_struct_ref.pdbx_db_accession          7L98 
_struct_ref.pdbx_db_isoform            ? 
_struct_ref.entity_id                  1 
_struct_ref.pdbx_seq_one_letter_code   ? 
_struct_ref.pdbx_align_begin           1 
# 
_struct_ref_seq.align_id                      1 
_struct_ref_seq.ref_id                        1 
_struct_ref_seq.pdbx_PDB_id_code              7L98 
_struct_ref_seq.pdbx_strand_id                A 
_struct_ref_seq.seq_align_beg                 1 
_struct_ref_seq.pdbx_seq_align_beg_ins_code   ? 
_struct_ref_seq.seq_align_end                 6 
_struct_ref_seq.pdbx_seq_align_end_ins_code   ? 
_struct_ref_seq.pdbx_db_accession             7L98 
_struct_ref_seq.db_align_beg                  1 
_struct_ref_seq.pdbx_db_align_beg_ins_code    ? 
_struct_ref_seq.db_align_end                  6 
_struct_ref_seq.pdbx_db_align_end_ins_code    ? 
_struct_ref_seq.pdbx_auth_seq_align_beg       1 
_struct_ref_seq.pdbx_auth_seq_align_end       6 
# 
_pdbx_struct_assembly.id                   1 
_pdbx_struct_assembly.details              author_defined_assembly 
_pdbx_struct_assembly.method_details       ? 
_pdbx_struct_assembly.oligomeric_details   monomeric 
_pdbx_struct_assembly.oligomeric_count     1 
# 
_pdbx_struct_assembly_gen.assembly_id       1 
_pdbx_struct_assembly_gen.oper_expression   1 
_pdbx_struct_assembly_gen.asym_id_list      A 
# 
_pdbx_struct_assembly_auth_evidence.id                     1 
_pdbx_struct_assembly_auth_evidence.assembly_id            1 
_pdbx_struct_assembly_auth_evidence.experimental_support   none 
_pdbx_struct_assembly_auth_evidence.details                ? 
# 
_pdbx_struct_oper_list.id                   1 
_pdbx_struct_oper_list.type                 'identity operation' 
_pdbx_struct_oper_list.name                 1_555 
_pdbx_struct_oper_list.symmetry_operation   ? 
_pdbx_struct_oper_list.matrix[1][1]         1.0000000000 
_pdbx_struct_oper_list.matrix[1][2]         0.0000000000 
_pdbx_struct_oper_list.matrix[1][3]         0.0000000000 
_pdbx_struct_oper_list.vector[1]            0.0000000000 
_pdbx_struct_oper_list.matrix[2][1]         0.0000000000 
_pdbx_struct_oper_list.matrix[2][2]         1.0000000000 
_pdbx_struct_oper_list.matrix[2][3]         0.0000000000 
_pdbx_struct_oper_list.vector[2]            0.0000000000 
_pdbx_struct_oper_list.matrix[3][1]         0.0000000000 
_pdbx_struct_oper_list.matrix[3][2]         0.0000000000 
_pdbx_struct_oper_list.matrix[3][3]         1.0000000000 
_pdbx_struct_oper_list.vector[3]            0.0000000000 
# 
loop_
_struct_conn.id 
_struct_conn.conn_type_id 
_struct_conn.pdbx_leaving_atom_flag 
_struct_conn.pdbx_PDB_id 
_struct_conn.ptnr1_label_asym_id 
_struct_conn.ptnr1_label_comp_id 
_struct_conn.ptnr1_label_seq_id 
_struct_conn.ptnr1_label_atom_id 
_struct_conn.pdbx_ptnr1_label_alt_id 
_struct_conn.pdbx_ptnr1_PDB_ins_code 
_struct_conn.pdbx_ptnr1_standard_comp_id 
_struct_conn.ptnr1_symmetry 
_struct_conn.ptnr2_label_asym_id 
_struct_conn.ptnr2_label_comp_id 
_struct_conn.ptnr2_label_seq_id 
_struct_conn.ptnr2_label_atom_id 
_struct_conn.pdbx_ptnr2_label_alt_id 
_struct_conn.pdbx_ptnr2_PDB_ins_code 
_struct_conn.ptnr1_auth_asym_id 
_struct_conn.ptnr1_auth_comp_id 
_struct_conn.ptnr1_auth_seq_id 
_struct_conn.ptnr2_auth_asym_id 
_struct_conn.ptnr2_auth_comp_id 
_struct_conn.ptnr2_auth_seq_id 
_struct_conn.ptnr2_symmetry 
_struct_conn.pdbx_ptnr3_label_atom_id 
_struct_conn.pdbx_ptnr3_label_seq_id 
_struct_conn.pdbx_ptnr3_label_comp_id 
_struct_conn.pdbx_ptnr3_label_asym_id 
_struct_conn.pdbx_ptnr3_label_alt_id 
_struct_conn.pdbx_ptnr3_PDB_ins_code 
_struct_conn.details 
_struct_conn.pdbx_dist_value 
_struct_conn.pdbx_value_order 
_struct_conn.pdbx_role 
covale1 covale both ? A ALA 1 C ? ? ? 1_555 A MEA 2 N ? ? A ALA 1 A MEA 2 1_555 ? ? ? ? ? ? ? 1.338 ? ? 
covale2 covale both ? A ALA 1 N ? ? ? 1_555 A ITZ 6 C ? ? A ALA 1 A ITZ 6 1_555 ? ? ? ? ? ? ? 1.335 ? ? 
covale3 covale both ? A MEA 2 C ? ? ? 1_555 A PRO 3 N ? ? A MEA 2 A PRO 3 1_555 ? ? ? ? ? ? ? 1.352 ? ? 
covale4 covale both ? A PRO 5 C ? ? ? 1_555 A ITZ 6 N ? ? A PRO 5 A ITZ 6 1_555 ? ? ? ? ? ? ? 1.332 ? ? 
# 
_struct_conn_type.id          covale 
_struct_conn_type.criteria    ? 
_struct_conn_type.reference   ? 
# 
loop_
_pdbx_modification_feature.ordinal 
_pdbx_modification_feature.label_comp_id 
_pdbx_modification_feature.label_asym_id 
_pdbx_modification_feature.label_seq_id 
_pdbx_modification_feature.label_alt_id 
_pdbx_modification_feature.modified_residue_label_comp_id 
_pdbx_modification_feature.modified_residue_label_asym_id 
_pdbx_modification_feature.modified_residue_label_seq_id 
_pdbx_modification_feature.modified_residue_label_alt_id 
_pdbx_modification_feature.auth_comp_id 
_pdbx_modification_feature.auth_asym_id 
_pdbx_modification_feature.auth_seq_id 
_pdbx_modification_feature.PDB_ins_code 
_pdbx_modification_feature.symmetry 
_pdbx_modification_feature.modified_residue_auth_comp_id 
_pdbx_modification_feature.modified_residue_auth_asym_id 
_pdbx_modification_feature.modified_residue_auth_seq_id 
_pdbx_modification_feature.modified_residue_PDB_ins_code 
_pdbx_modification_feature.modified_residue_symmetry 
_pdbx_modification_feature.comp_id_linking_atom 
_pdbx_modification_feature.modified_residue_id_linking_atom 
_pdbx_modification_feature.modified_residue_id 
_pdbx_modification_feature.ref_pcm_id 
_pdbx_modification_feature.ref_comp_id 
_pdbx_modification_feature.type 
_pdbx_modification_feature.category 
1 MEA A 2 ? .   . . . MEA A 2 ? 1_555 .   . . . .     . . PHE 1 MEA Methylation 'Named protein modification' 
2 ITZ A 6 ? .   . . . ITZ A 6 ? 1_555 .   . . . .     . . ?   1 ITZ None        'Non-standard residue'       
3 ALA A 1 ? ITZ A 6 ? ALA A 1 ? 1_555 ITZ A 6 ? 1_555 N C .   . .   None        'Non-standard linkage'       
# 
loop_
_struct_mon_prot_cis.pdbx_id 
_struct_mon_prot_cis.label_comp_id 
_struct_mon_prot_cis.label_seq_id 
_struct_mon_prot_cis.label_asym_id 
_struct_mon_prot_cis.label_alt_id 
_struct_mon_prot_cis.pdbx_PDB_ins_code 
_struct_mon_prot_cis.auth_comp_id 
_struct_mon_prot_cis.auth_seq_id 
_struct_mon_prot_cis.auth_asym_id 
_struct_mon_prot_cis.pdbx_label_comp_id_2 
_struct_mon_prot_cis.pdbx_label_seq_id_2 
_struct_mon_prot_cis.pdbx_label_asym_id_2 
_struct_mon_prot_cis.pdbx_PDB_ins_code_2 
_struct_mon_prot_cis.pdbx_auth_comp_id_2 
_struct_mon_prot_cis.pdbx_auth_seq_id_2 
_struct_mon_prot_cis.pdbx_auth_asym_id_2 
_struct_mon_prot_cis.pdbx_PDB_model_num 
_struct_mon_prot_cis.pdbx_omega_angle 
1 MEA 2 A . ? MEA 2 A PRO 3 A ? PRO 3 A 1 0.30 
2 MEA 2 A . ? MEA 2 A PRO 3 A ? PRO 3 A 2 0.21 
3 MEA 2 A . ? MEA 2 A PRO 3 A ? PRO 3 A 3 0.15 
4 MEA 2 A . ? MEA 2 A PRO 3 A ? PRO 3 A 4 0.14 
# 
_pdbx_entry_details.entry_id                   7L98 
_pdbx_entry_details.nonpolymer_details         ? 
_pdbx_entry_details.sequence_details           ? 
_pdbx_entry_details.compound_details           ? 
_pdbx_entry_details.source_details             ? 
_pdbx_entry_details.has_ligand_of_interest     Y 
_pdbx_entry_details.has_protein_modification   Y 
# 
_pdbx_nmr_ensemble.entry_id                                      7L98 
_pdbx_nmr_ensemble.conformers_calculated_total_number            50 
_pdbx_nmr_ensemble.conformers_submitted_total_number             4 
_pdbx_nmr_ensemble.conformer_selection_criteria                  'structures with the lowest energy' 
_pdbx_nmr_ensemble.representative_conformer                      ? 
_pdbx_nmr_ensemble.average_constraints_per_residue               ? 
_pdbx_nmr_ensemble.average_constraint_violations_per_residue     ? 
_pdbx_nmr_ensemble.maximum_distance_constraint_violation         ? 
_pdbx_nmr_ensemble.average_distance_constraint_violation         ? 
_pdbx_nmr_ensemble.maximum_upper_distance_constraint_violation   ? 
_pdbx_nmr_ensemble.maximum_lower_distance_constraint_violation   ? 
_pdbx_nmr_ensemble.distance_constraint_violation_method          ? 
_pdbx_nmr_ensemble.maximum_torsion_angle_constraint_violation    ? 
_pdbx_nmr_ensemble.average_torsion_angle_constraint_violation    ? 
_pdbx_nmr_ensemble.torsion_angle_constraint_violation_method     ? 
# 
_pdbx_nmr_representative.entry_id             7L98 
_pdbx_nmr_representative.conformer_id         1 
_pdbx_nmr_representative.selection_criteria   'lowest energy' 
# 
_pdbx_nmr_sample_details.solution_id      1 
_pdbx_nmr_sample_details.contents         '1.0 mM cyclic peptide ALA-MEA-PRO-ILE-PRO-ITZ, chloroform' 
_pdbx_nmr_sample_details.solvent_system   chloroform 
_pdbx_nmr_sample_details.label            1h 
_pdbx_nmr_sample_details.type             solution 
_pdbx_nmr_sample_details.details          ? 
# 
_pdbx_nmr_exptl_sample.solution_id           1 
_pdbx_nmr_exptl_sample.component             'cyclic peptide ALA-MEA-PRO-ILE-PRO-ITZ' 
_pdbx_nmr_exptl_sample.concentration         1.0 
_pdbx_nmr_exptl_sample.concentration_range   ? 
_pdbx_nmr_exptl_sample.concentration_units   mM 
_pdbx_nmr_exptl_sample.isotopic_labeling     'natural abundance' 
# 
_pdbx_nmr_exptl_sample_conditions.conditions_id          1 
_pdbx_nmr_exptl_sample_conditions.temperature            298 
_pdbx_nmr_exptl_sample_conditions.pressure_units         atm 
_pdbx_nmr_exptl_sample_conditions.pressure               1.0 
_pdbx_nmr_exptl_sample_conditions.pH                     7.0 
_pdbx_nmr_exptl_sample_conditions.ionic_strength         0.1 
_pdbx_nmr_exptl_sample_conditions.details                ? 
_pdbx_nmr_exptl_sample_conditions.ionic_strength_err     ? 
_pdbx_nmr_exptl_sample_conditions.ionic_strength_units   mM 
_pdbx_nmr_exptl_sample_conditions.label                  condiction1 
_pdbx_nmr_exptl_sample_conditions.pH_err                 ? 
_pdbx_nmr_exptl_sample_conditions.pH_units               pH 
_pdbx_nmr_exptl_sample_conditions.pressure_err           ? 
_pdbx_nmr_exptl_sample_conditions.temperature_err        ? 
_pdbx_nmr_exptl_sample_conditions.temperature_units      K 
# 
_pdbx_nmr_exptl.experiment_id     1 
_pdbx_nmr_exptl.conditions_id     1 
_pdbx_nmr_exptl.solution_id       1 
_pdbx_nmr_exptl.type              '2D 1H-1H NOESY' 
_pdbx_nmr_exptl.spectrometer_id   1 
_pdbx_nmr_exptl.sample_state      anisotropic 
# 
_pdbx_nmr_refine.entry_id           7L98 
_pdbx_nmr_refine.method             'simulated annealing' 
_pdbx_nmr_refine.details            ? 
_pdbx_nmr_refine.software_ordinal   1 
# 
loop_
_pdbx_nmr_software.ordinal 
_pdbx_nmr_software.classification 
_pdbx_nmr_software.name 
_pdbx_nmr_software.version 
_pdbx_nmr_software.authors 
1 refinement                  'X-PLOR NIH' ? 'Schwieters, Kuszewski, Tjandra and Clore' 
2 'chemical shift assignment' TopSpin      ? 'Bruker Biospin'                           
3 'peak picking'              TopSpin      ? 'Bruker Biospin'                           
# 
loop_
_chem_comp_atom.comp_id 
_chem_comp_atom.atom_id 
_chem_comp_atom.type_symbol 
_chem_comp_atom.pdbx_aromatic_flag 
_chem_comp_atom.pdbx_stereo_config 
_chem_comp_atom.pdbx_ordinal 
ALA N    N N N 1   
ALA CA   C N S 2   
ALA C    C N N 3   
ALA O    O N N 4   
ALA CB   C N N 5   
ALA OXT  O N N 6   
ALA H    H N N 7   
ALA H2   H N N 8   
ALA HA   H N N 9   
ALA HB1  H N N 10  
ALA HB2  H N N 11  
ALA HB3  H N N 12  
ALA HXT  H N N 13  
ILE N    N N N 14  
ILE CA   C N S 15  
ILE C    C N N 16  
ILE O    O N N 17  
ILE CB   C N S 18  
ILE CG1  C N N 19  
ILE CG2  C N N 20  
ILE CD1  C N N 21  
ILE OXT  O N N 22  
ILE H    H N N 23  
ILE H2   H N N 24  
ILE HA   H N N 25  
ILE HB   H N N 26  
ILE HG12 H N N 27  
ILE HG13 H N N 28  
ILE HG21 H N N 29  
ILE HG22 H N N 30  
ILE HG23 H N N 31  
ILE HD11 H N N 32  
ILE HD12 H N N 33  
ILE HD13 H N N 34  
ILE HXT  H N N 35  
ITZ N    N N N 36  
ITZ CA   C N S 37  
ITZ CB   C N S 38  
ITZ CG1  C N N 39  
ITZ CG2  C N N 40  
ITZ CD1  C N N 41  
ITZ CB1  C Y N 42  
ITZ NG1  N Y N 43  
ITZ SG1  S Y N 44  
ITZ CD3  C Y N 45  
ITZ CD2  C Y N 46  
ITZ C    C N N 47  
ITZ O    O N N 48  
ITZ H    H N N 49  
ITZ H2   H N N 50  
ITZ HA   H N N 51  
ITZ HB   H N N 52  
ITZ HG12 H N N 53  
ITZ HG11 H N N 54  
ITZ HG23 H N N 55  
ITZ HG21 H N N 56  
ITZ HG22 H N N 57  
ITZ HD11 H N N 58  
ITZ HD12 H N N 59  
ITZ HD13 H N N 60  
ITZ HQ   H N N 61  
ITZ OXT  O N N 62  
ITZ HXT  H N N 63  
MEA C1   C N N 64  
MEA N    N N N 65  
MEA CA   C N S 66  
MEA C    C N N 67  
MEA O    O N N 68  
MEA CB   C N N 69  
MEA CG   C Y N 70  
MEA CD1  C Y N 71  
MEA CE1  C Y N 72  
MEA CZ   C Y N 73  
MEA CE2  C Y N 74  
MEA CD2  C Y N 75  
MEA OXT  O N N 76  
MEA HC1  H N N 77  
MEA HC2  H N N 78  
MEA HC3  H N N 79  
MEA H    H N N 80  
MEA HA   H N N 81  
MEA HB1  H N N 82  
MEA HB2  H N N 83  
MEA HD1  H N N 84  
MEA HE1  H N N 85  
MEA HZ   H N N 86  
MEA HE2  H N N 87  
MEA HD2  H N N 88  
MEA HXT  H N N 89  
PRO N    N N N 90  
PRO CA   C N S 91  
PRO C    C N N 92  
PRO O    O N N 93  
PRO CB   C N N 94  
PRO CG   C N N 95  
PRO CD   C N N 96  
PRO OXT  O N N 97  
PRO H    H N N 98  
PRO HA   H N N 99  
PRO HB2  H N N 100 
PRO HB3  H N N 101 
PRO HG2  H N N 102 
PRO HG3  H N N 103 
PRO HD2  H N N 104 
PRO HD3  H N N 105 
PRO HXT  H N N 106 
# 
loop_
_chem_comp_bond.comp_id 
_chem_comp_bond.atom_id_1 
_chem_comp_bond.atom_id_2 
_chem_comp_bond.value_order 
_chem_comp_bond.pdbx_aromatic_flag 
_chem_comp_bond.pdbx_stereo_config 
_chem_comp_bond.pdbx_ordinal 
ALA N   CA   sing N N 1   
ALA N   H    sing N N 2   
ALA N   H2   sing N N 3   
ALA CA  C    sing N N 4   
ALA CA  CB   sing N N 5   
ALA CA  HA   sing N N 6   
ALA C   O    doub N N 7   
ALA C   OXT  sing N N 8   
ALA CB  HB1  sing N N 9   
ALA CB  HB2  sing N N 10  
ALA CB  HB3  sing N N 11  
ALA OXT HXT  sing N N 12  
ILE N   CA   sing N N 13  
ILE N   H    sing N N 14  
ILE N   H2   sing N N 15  
ILE CA  C    sing N N 16  
ILE CA  CB   sing N N 17  
ILE CA  HA   sing N N 18  
ILE C   O    doub N N 19  
ILE C   OXT  sing N N 20  
ILE CB  CG1  sing N N 21  
ILE CB  CG2  sing N N 22  
ILE CB  HB   sing N N 23  
ILE CG1 CD1  sing N N 24  
ILE CG1 HG12 sing N N 25  
ILE CG1 HG13 sing N N 26  
ILE CG2 HG21 sing N N 27  
ILE CG2 HG22 sing N N 28  
ILE CG2 HG23 sing N N 29  
ILE CD1 HD11 sing N N 30  
ILE CD1 HD12 sing N N 31  
ILE CD1 HD13 sing N N 32  
ILE OXT HXT  sing N N 33  
ITZ CG1 CD1  sing N N 34  
ITZ CG1 CB   sing N N 35  
ITZ CG2 CB   sing N N 36  
ITZ CB  CA   sing N N 37  
ITZ CA  CB1  sing N N 38  
ITZ CA  N    sing N N 39  
ITZ SG1 CB1  sing Y N 40  
ITZ SG1 CD2  sing Y N 41  
ITZ CB1 NG1  doub Y N 42  
ITZ CD2 CD3  doub Y N 43  
ITZ NG1 CD3  sing Y N 44  
ITZ CD3 C    sing N N 45  
ITZ C   O    doub N N 46  
ITZ N   H    sing N N 47  
ITZ N   H2   sing N N 48  
ITZ CA  HA   sing N N 49  
ITZ CB  HB   sing N N 50  
ITZ CG1 HG12 sing N N 51  
ITZ CG1 HG11 sing N N 52  
ITZ CG2 HG23 sing N N 53  
ITZ CG2 HG21 sing N N 54  
ITZ CG2 HG22 sing N N 55  
ITZ CD1 HD11 sing N N 56  
ITZ CD1 HD12 sing N N 57  
ITZ CD1 HD13 sing N N 58  
ITZ CD2 HQ   sing N N 59  
ITZ C   OXT  sing N N 60  
ITZ OXT HXT  sing N N 61  
MEA C1  N    sing N N 62  
MEA C1  HC1  sing N N 63  
MEA C1  HC2  sing N N 64  
MEA C1  HC3  sing N N 65  
MEA N   CA   sing N N 66  
MEA N   H    sing N N 67  
MEA CA  C    sing N N 68  
MEA CA  CB   sing N N 69  
MEA CA  HA   sing N N 70  
MEA C   O    doub N N 71  
MEA C   OXT  sing N N 72  
MEA CB  CG   sing N N 73  
MEA CB  HB1  sing N N 74  
MEA CB  HB2  sing N N 75  
MEA CG  CD1  doub Y N 76  
MEA CG  CD2  sing Y N 77  
MEA CD1 CE1  sing Y N 78  
MEA CD1 HD1  sing N N 79  
MEA CE1 CZ   doub Y N 80  
MEA CE1 HE1  sing N N 81  
MEA CZ  CE2  sing Y N 82  
MEA CZ  HZ   sing N N 83  
MEA CE2 CD2  doub Y N 84  
MEA CE2 HE2  sing N N 85  
MEA CD2 HD2  sing N N 86  
MEA OXT HXT  sing N N 87  
PRO N   CA   sing N N 88  
PRO N   CD   sing N N 89  
PRO N   H    sing N N 90  
PRO CA  C    sing N N 91  
PRO CA  CB   sing N N 92  
PRO CA  HA   sing N N 93  
PRO C   O    doub N N 94  
PRO C   OXT  sing N N 95  
PRO CB  CG   sing N N 96  
PRO CB  HB2  sing N N 97  
PRO CB  HB3  sing N N 98  
PRO CG  CD   sing N N 99  
PRO CG  HG2  sing N N 100 
PRO CG  HG3  sing N N 101 
PRO CD  HD2  sing N N 102 
PRO CD  HD3  sing N N 103 
PRO OXT HXT  sing N N 104 
# 
_pdbx_nmr_spectrometer.spectrometer_id   1 
_pdbx_nmr_spectrometer.model             AVANCE 
_pdbx_nmr_spectrometer.type              ? 
_pdbx_nmr_spectrometer.manufacturer      Bruker 
_pdbx_nmr_spectrometer.field_strength    600 
_pdbx_nmr_spectrometer.details           ? 
# 
_atom_sites.entry_id                    7L98 
_atom_sites.Cartn_transf_matrix[1][1]   ? 
_atom_sites.Cartn_transf_matrix[1][2]   ? 
_atom_sites.Cartn_transf_matrix[1][3]   ? 
_atom_sites.Cartn_transf_matrix[2][1]   ? 
_atom_sites.Cartn_transf_matrix[2][2]   ? 
_atom_sites.Cartn_transf_matrix[2][3]   ? 
_atom_sites.Cartn_transf_matrix[3][1]   ? 
_atom_sites.Cartn_transf_matrix[3][2]   ? 
_atom_sites.Cartn_transf_matrix[3][3]   ? 
_atom_sites.Cartn_transf_vector[1]      ? 
_atom_sites.Cartn_transf_vector[2]      ? 
_atom_sites.Cartn_transf_vector[3]      ? 
_atom_sites.fract_transf_matrix[1][1]   1.000000 
_atom_sites.fract_transf_matrix[1][2]   0.000000 
_atom_sites.fract_transf_matrix[1][3]   0.000000 
_atom_sites.fract_transf_matrix[2][1]   0.000000 
_atom_sites.fract_transf_matrix[2][2]   1.000000 
_atom_sites.fract_transf_matrix[2][3]   0.000000 
_atom_sites.fract_transf_matrix[3][1]   0.000000 
_atom_sites.fract_transf_matrix[3][2]   0.000000 
_atom_sites.fract_transf_matrix[3][3]   1.000000 
_atom_sites.fract_transf_vector[1]      0.00000 
_atom_sites.fract_transf_vector[2]      0.00000 
_atom_sites.fract_transf_vector[3]      0.00000 
_atom_sites.solution_primary            ? 
_atom_sites.solution_secondary          ? 
_atom_sites.solution_hydrogens          ? 
_atom_sites.special_details             ? 
# 
loop_
_atom_type.symbol 
C 
H 
N 
O 
S 
# 
loop_
_atom_site.group_PDB 
_atom_site.id 
_atom_site.type_symbol 
_atom_site.label_atom_id 
_atom_site.label_alt_id 
_atom_site.label_comp_id 
_atom_site.label_asym_id 
_atom_site.label_entity_id 
_atom_site.label_seq_id 
_atom_site.pdbx_PDB_ins_code 
_atom_site.Cartn_x 
_atom_site.Cartn_y 
_atom_site.Cartn_z 
_atom_site.occupancy 
_atom_site.B_iso_or_equiv 
_atom_site.pdbx_formal_charge 
_atom_site.auth_seq_id 
_atom_site.auth_comp_id 
_atom_site.auth_asym_id 
_atom_site.auth_atom_id 
_atom_site.pdbx_PDB_model_num 
ATOM   1   N N    . ALA A 1 1 ? -2.132 -0.481 -2.195 1.00 0.00 ? 1 ALA A N    1 
ATOM   2   C CA   . ALA A 1 1 ? -2.998 -1.160 -1.238 1.00 0.00 ? 1 ALA A CA   1 
ATOM   3   C C    . ALA A 1 1 ? -2.536 -0.873 0.192  1.00 0.00 ? 1 ALA A C    1 
ATOM   4   O O    . ALA A 1 1 ? -1.676 -0.018 0.397  1.00 0.00 ? 1 ALA A O    1 
ATOM   5   C CB   . ALA A 1 1 ? -2.998 -2.656 -1.521 1.00 0.00 ? 1 ALA A CB   1 
ATOM   6   H H1   . ALA A 1 1 ? -1.197 -0.310 -1.956 1.00 0.00 ? 1 ALA A H1   1 
ATOM   7   H HA   . ALA A 1 1 ? -4.004 -0.786 -1.368 1.00 0.00 ? 1 ALA A HA   1 
ATOM   8   H HB1  . ALA A 1 1 ? -4.005 -3.039 -1.435 1.00 0.00 ? 1 ALA A HB1  1 
ATOM   9   H HB2  . ALA A 1 1 ? -2.360 -3.157 -0.808 1.00 0.00 ? 1 ALA A HB2  1 
ATOM   10  H HB3  . ALA A 1 1 ? -2.629 -2.834 -2.521 1.00 0.00 ? 1 ALA A HB3  1 
HETATM 11  C C1   . MEA A 1 2 ? -4.327 -2.382 0.952  1.00 0.00 ? 2 MEA A C1   1 
HETATM 12  N N    . MEA A 1 2 ? -3.084 -1.581 1.186  1.00 0.00 ? 2 MEA A N    1 
HETATM 13  C CA   . MEA A 1 2 ? -2.656 -1.346 2.564  1.00 0.00 ? 2 MEA A CA   1 
HETATM 14  C C    . MEA A 1 2 ? -2.044 -2.614 3.166  1.00 0.00 ? 2 MEA A C    1 
HETATM 15  O O    . MEA A 1 2 ? -2.669 -3.675 3.142  1.00 0.00 ? 2 MEA A O    1 
HETATM 16  C CB   . MEA A 1 2 ? -3.834 -0.873 3.423  1.00 0.00 ? 2 MEA A CB   1 
HETATM 17  C CG   . MEA A 1 2 ? -3.570 0.421  4.139  1.00 0.00 ? 2 MEA A CG   1 
HETATM 18  C CD1  . MEA A 1 2 ? -3.865 0.556  5.487  1.00 0.00 ? 2 MEA A CD1  1 
HETATM 19  C CE1  . MEA A 1 2 ? -3.623 1.745  6.148  1.00 0.00 ? 2 MEA A CE1  1 
HETATM 20  C CZ   . MEA A 1 2 ? -3.083 2.816  5.463  1.00 0.00 ? 2 MEA A CZ   1 
HETATM 21  C CE2  . MEA A 1 2 ? -2.786 2.695  4.120  1.00 0.00 ? 2 MEA A CE2  1 
HETATM 22  C CD2  . MEA A 1 2 ? -3.029 1.503  3.465  1.00 0.00 ? 2 MEA A CD2  1 
HETATM 23  H HC1  . MEA A 1 2 ? -4.940 -1.890 0.211  1.00 0.00 ? 2 MEA A HC1  1 
HETATM 24  H HC2  . MEA A 1 2 ? -4.881 -2.470 1.876  1.00 0.00 ? 2 MEA A HC2  1 
HETATM 25  H HC3  . MEA A 1 2 ? -4.061 -3.367 0.599  1.00 0.00 ? 2 MEA A HC3  1 
HETATM 26  H HA   . MEA A 1 2 ? -1.908 -0.571 2.546  1.00 0.00 ? 2 MEA A HA   1 
HETATM 27  H HB1  . MEA A 1 2 ? -4.057 -1.625 4.166  1.00 0.00 ? 2 MEA A HB1  1 
HETATM 28  H HB2  . MEA A 1 2 ? -4.698 -0.732 2.791  1.00 0.00 ? 2 MEA A HB2  1 
HETATM 29  H HD1  . MEA A 1 2 ? -4.287 -0.282 6.023  1.00 0.00 ? 2 MEA A HD1  1 
HETATM 30  H HE1  . MEA A 1 2 ? -3.857 1.837  7.198  1.00 0.00 ? 2 MEA A HE1  1 
HETATM 31  H HZ   . MEA A 1 2 ? -2.893 3.747  5.977  1.00 0.00 ? 2 MEA A HZ   1 
HETATM 32  H HE2  . MEA A 1 2 ? -2.363 3.531  3.582  1.00 0.00 ? 2 MEA A HE2  1 
HETATM 33  H HD2  . MEA A 1 2 ? -2.796 1.409  2.414  1.00 0.00 ? 2 MEA A HD2  1 
ATOM   34  N N    . PRO A 1 3 ? -0.810 -2.536 3.713  1.00 0.00 ? 3 PRO A N    1 
ATOM   35  C CA   . PRO A 1 3 ? -0.008 -1.320 3.782  1.00 0.00 ? 3 PRO A CA   1 
ATOM   36  C C    . PRO A 1 3 ? 1.000  -1.217 2.639  1.00 0.00 ? 3 PRO A C    1 
ATOM   37  O O    . PRO A 1 3 ? 2.195  -1.449 2.825  1.00 0.00 ? 3 PRO A O    1 
ATOM   38  C CB   . PRO A 1 3 ? 0.712  -1.500 5.113  1.00 0.00 ? 3 PRO A CB   1 
ATOM   39  C CG   . PRO A 1 3 ? 0.909  -2.981 5.248  1.00 0.00 ? 3 PRO A CG   1 
ATOM   40  C CD   . PRO A 1 3 ? -0.093 -3.657 4.334  1.00 0.00 ? 3 PRO A CD   1 
ATOM   41  H HA   . PRO A 1 3 ? -0.618 -0.433 3.811  1.00 0.00 ? 3 PRO A HA   1 
ATOM   42  H HB2  . PRO A 1 3 ? 1.657  -0.976 5.087  1.00 0.00 ? 3 PRO A HB2  1 
ATOM   43  H HB3  . PRO A 1 3 ? 0.099  -1.110 5.912  1.00 0.00 ? 3 PRO A HB3  1 
ATOM   44  H HG2  . PRO A 1 3 ? 1.914  -3.242 4.953  1.00 0.00 ? 3 PRO A HG2  1 
ATOM   45  H HG3  . PRO A 1 3 ? 0.734  -3.277 6.272  1.00 0.00 ? 3 PRO A HG3  1 
ATOM   46  H HD2  . PRO A 1 3 ? 0.417  -4.246 3.586  1.00 0.00 ? 3 PRO A HD2  1 
ATOM   47  H HD3  . PRO A 1 3 ? -0.768 -4.275 4.905  1.00 0.00 ? 3 PRO A HD3  1 
ATOM   48  N N    . ILE A 1 4 ? 0.507  -0.868 1.459  1.00 0.00 ? 4 ILE A N    1 
ATOM   49  C CA   . ILE A 1 4 ? 1.352  -0.729 0.279  1.00 0.00 ? 4 ILE A CA   1 
ATOM   50  C C    . ILE A 1 4 ? 1.229  0.678  -0.315 1.00 0.00 ? 4 ILE A C    1 
ATOM   51  O O    . ILE A 1 4 ? 0.142  1.099  -0.710 1.00 0.00 ? 4 ILE A O    1 
ATOM   52  C CB   . ILE A 1 4 ? 0.973  -1.773 -0.790 1.00 0.00 ? 4 ILE A CB   1 
ATOM   53  C CG1  . ILE A 1 4 ? 1.153  -3.188 -0.235 1.00 0.00 ? 4 ILE A CG1  1 
ATOM   54  C CG2  . ILE A 1 4 ? 1.807  -1.584 -2.049 1.00 0.00 ? 4 ILE A CG2  1 
ATOM   55  C CD1  . ILE A 1 4 ? -0.085 -3.732 0.445  1.00 0.00 ? 4 ILE A CD1  1 
ATOM   56  H H    . ILE A 1 4 ? -0.451 -0.698 1.380  1.00 0.00 ? 4 ILE A H    1 
ATOM   57  H HA   . ILE A 1 4 ? 2.375  -0.903 0.579  1.00 0.00 ? 4 ILE A HA   1 
ATOM   58  H HB   . ILE A 1 4 ? -0.065 -1.626 -1.047 1.00 0.00 ? 4 ILE A HB   1 
ATOM   59  H HG12 . ILE A 1 4 ? 1.405  -3.855 -1.045 1.00 0.00 ? 4 ILE A HG12 1 
ATOM   60  H HG13 . ILE A 1 4 ? 1.956  -3.185 0.487  1.00 0.00 ? 4 ILE A HG13 1 
ATOM   61  H HG21 . ILE A 1 4 ? 2.855  -1.564 -1.787 1.00 0.00 ? 4 ILE A HG21 1 
ATOM   62  H HG22 . ILE A 1 4 ? 1.536  -0.653 -2.522 1.00 0.00 ? 4 ILE A HG22 1 
ATOM   63  H HG23 . ILE A 1 4 ? 1.621  -2.401 -2.729 1.00 0.00 ? 4 ILE A HG23 1 
ATOM   64  H HD11 . ILE A 1 4 ? 0.197  -4.227 1.363  1.00 0.00 ? 4 ILE A HD11 1 
ATOM   65  H HD12 . ILE A 1 4 ? -0.573 -4.440 -0.209 1.00 0.00 ? 4 ILE A HD12 1 
ATOM   66  H HD13 . ILE A 1 4 ? -0.761 -2.920 0.667  1.00 0.00 ? 4 ILE A HD13 1 
ATOM   67  N N    . PRO A 1 5 ? 2.344  1.430  -0.384 1.00 0.00 ? 5 PRO A N    1 
ATOM   68  C CA   . PRO A 1 5 ? 2.344  2.795  -0.926 1.00 0.00 ? 5 PRO A CA   1 
ATOM   69  C C    . PRO A 1 5 ? 1.963  2.851  -2.403 1.00 0.00 ? 5 PRO A C    1 
ATOM   70  O O    . PRO A 1 5 ? 1.445  3.860  -2.879 1.00 0.00 ? 5 PRO A O    1 
ATOM   71  C CB   . PRO A 1 5 ? 3.790  3.265  -0.730 1.00 0.00 ? 5 PRO A CB   1 
ATOM   72  C CG   . PRO A 1 5 ? 4.589  2.014  -0.601 1.00 0.00 ? 5 PRO A CG   1 
ATOM   73  C CD   . PRO A 1 5 ? 3.686  1.017  0.065  1.00 0.00 ? 5 PRO A CD   1 
ATOM   74  H HA   . PRO A 1 5 ? 1.680  3.436  -0.366 1.00 0.00 ? 5 PRO A HA   1 
ATOM   75  H HB2  . PRO A 1 5 ? 4.101  3.845  -1.586 1.00 0.00 ? 5 PRO A HB2  1 
ATOM   76  H HB3  . PRO A 1 5 ? 3.856  3.868  0.163  1.00 0.00 ? 5 PRO A HB3  1 
ATOM   77  H HG2  . PRO A 1 5 ? 4.882  1.663  -1.579 1.00 0.00 ? 5 PRO A HG2  1 
ATOM   78  H HG3  . PRO A 1 5 ? 5.461  2.196  0.010  1.00 0.00 ? 5 PRO A HG3  1 
ATOM   79  H HD2  . PRO A 1 5 ? 3.915  0.016  -0.271 1.00 0.00 ? 5 PRO A HD2  1 
ATOM   80  H HD3  . PRO A 1 5 ? 3.771  1.085  1.139  1.00 0.00 ? 5 PRO A HD3  1 
HETATM 81  N N    . ITZ A 1 6 ? 2.234  1.772  -3.136 1.00 0.00 ? 6 ITZ A N    1 
HETATM 82  C CA   . ITZ A 1 6 ? 1.912  1.710  -4.558 1.00 0.00 ? 6 ITZ A CA   1 
HETATM 83  C CB   . ITZ A 1 6 ? 2.823  0.716  -5.305 1.00 0.00 ? 6 ITZ A CB   1 
HETATM 84  C CG1  . ITZ A 1 6 ? 2.554  0.778  -6.811 1.00 0.00 ? 6 ITZ A CG1  1 
HETATM 85  C CG2  . ITZ A 1 6 ? 2.613  -0.697 -4.782 1.00 0.00 ? 6 ITZ A CG2  1 
HETATM 86  C CD1  . ITZ A 1 6 ? 3.807  0.667  -7.653 1.00 0.00 ? 6 ITZ A CD1  1 
HETATM 87  C CB1  . ITZ A 1 6 ? 0.445  1.377  -4.711 1.00 0.00 ? 6 ITZ A CB1  1 
HETATM 88  N NG1  . ITZ A 1 6 ? -0.267 0.771  -3.802 1.00 0.00 ? 6 ITZ A NG1  1 
HETATM 89  S SG1  . ITZ A 1 6 ? -0.434 1.784  -6.152 1.00 0.00 ? 6 ITZ A SG1  1 
HETATM 90  C CD3  . ITZ A 1 6 ? -1.571 0.607  -4.240 1.00 0.00 ? 6 ITZ A CD3  1 
HETATM 91  C CD2  . ITZ A 1 6 ? -1.838 1.090  -5.473 1.00 0.00 ? 6 ITZ A CD2  1 
HETATM 92  C C    . ITZ A 1 6 ? -2.580 -0.065 -3.382 1.00 0.00 ? 6 ITZ A C    1 
HETATM 93  O O    . ITZ A 1 6 ? -3.738 -0.226 -3.759 1.00 0.00 ? 6 ITZ A O    1 
HETATM 94  H H    . ITZ A 1 6 ? 2.673  1.008  -2.709 1.00 0.00 ? 6 ITZ A H    1 
HETATM 95  H HA   . ITZ A 1 6 ? 2.056  2.696  -4.977 1.00 0.00 ? 6 ITZ A HA   1 
HETATM 96  H HB   . ITZ A 1 6 ? 3.849  0.993  -5.119 1.00 0.00 ? 6 ITZ A HB   1 
HETATM 97  H HG12 . ITZ A 1 6 ? 1.897  -0.033 -7.086 1.00 0.00 ? 6 ITZ A HG12 1 
HETATM 98  H HG11 . ITZ A 1 6 ? 2.078  1.717  -7.046 1.00 0.00 ? 6 ITZ A HG11 1 
HETATM 99  H HG23 . ITZ A 1 6 ? 1.584  -0.821 -4.479 1.00 0.00 ? 6 ITZ A HG23 1 
HETATM 100 H HG21 . ITZ A 1 6 ? 3.262  -0.867 -3.936 1.00 0.00 ? 6 ITZ A HG21 1 
HETATM 101 H HG22 . ITZ A 1 6 ? 2.847  -1.407 -5.562 1.00 0.00 ? 6 ITZ A HG22 1 
HETATM 102 H HD11 . ITZ A 1 6 ? 4.454  1.508  -7.449 1.00 0.00 ? 6 ITZ A HD11 1 
HETATM 103 H HD12 . ITZ A 1 6 ? 3.538  0.665  -8.699 1.00 0.00 ? 6 ITZ A HD12 1 
HETATM 104 H HD13 . ITZ A 1 6 ? 4.323  -0.251 -7.412 1.00 0.00 ? 6 ITZ A HD13 1 
HETATM 105 H HQ   . ITZ A 1 6 ? -2.669 1.059  -5.915 1.00 0.00 ? 6 ITZ A HQ   1 
ATOM   106 N N    . ALA A 1 1 ? -2.150 -0.500 -2.192 1.00 0.00 ? 1 ALA A N    2 
ATOM   107 C CA   . ALA A 1 1 ? -3.029 -1.158 -1.234 1.00 0.00 ? 1 ALA A CA   2 
ATOM   108 C C    . ALA A 1 1 ? -2.552 -0.882 0.192  1.00 0.00 ? 1 ALA A C    2 
ATOM   109 O O    . ALA A 1 1 ? -1.681 -0.037 0.392  1.00 0.00 ? 1 ALA A O    2 
ATOM   110 C CB   . ALA A 1 1 ? -3.068 -2.654 -1.516 1.00 0.00 ? 1 ALA A CB   2 
ATOM   111 H H1   . ALA A 1 1 ? -1.223 -0.306 -1.937 1.00 0.00 ? 1 ALA A H1   2 
ATOM   112 H HA   . ALA A 1 1 ? -4.026 -0.759 -1.360 1.00 0.00 ? 1 ALA A HA   2 
ATOM   113 H HB1  . ALA A 1 1 ? -4.085 -3.008 -1.441 1.00 0.00 ? 1 ALA A HB1  2 
ATOM   114 H HB2  . ALA A 1 1 ? -2.452 -3.173 -0.797 1.00 0.00 ? 1 ALA A HB2  2 
ATOM   115 H HB3  . ALA A 1 1 ? -2.694 -2.842 -2.512 1.00 0.00 ? 1 ALA A HB3  2 
HETATM 116 C C1   . MEA A 1 2 ? -4.328 -2.415 0.973  1.00 0.00 ? 2 MEA A C1   2 
HETATM 117 N N    . MEA A 1 2 ? -3.101 -1.586 1.190  1.00 0.00 ? 2 MEA A N    2 
HETATM 118 C CA   . MEA A 1 2 ? -2.654 -1.352 2.563  1.00 0.00 ? 2 MEA A CA   2 
HETATM 119 C C    . MEA A 1 2 ? -2.038 -2.620 3.157  1.00 0.00 ? 2 MEA A C    2 
HETATM 120 O O    . MEA A 1 2 ? -2.660 -3.682 3.130  1.00 0.00 ? 2 MEA A O    2 
HETATM 121 C CB   . MEA A 1 2 ? -3.818 -0.869 3.433  1.00 0.00 ? 2 MEA A CB   2 
HETATM 122 C CG   . MEA A 1 2 ? -3.534 0.432  4.129  1.00 0.00 ? 2 MEA A CG   2 
HETATM 123 C CD1  . MEA A 1 2 ? -2.542 0.514  5.092  1.00 0.00 ? 2 MEA A CD1  2 
HETATM 124 C CE1  . MEA A 1 2 ? -2.274 1.711  5.727  1.00 0.00 ? 2 MEA A CE1  2 
HETATM 125 C CZ   . MEA A 1 2 ? -2.999 2.842  5.404  1.00 0.00 ? 2 MEA A CZ   2 
HETATM 126 C CE2  . MEA A 1 2 ? -3.991 2.771  4.446  1.00 0.00 ? 2 MEA A CE2  2 
HETATM 127 C CD2  . MEA A 1 2 ? -4.254 1.572  3.812  1.00 0.00 ? 2 MEA A CD2  2 
HETATM 128 H HC1  . MEA A 1 2 ? -4.893 -2.473 1.892  1.00 0.00 ? 2 MEA A HC1  2 
HETATM 129 H HC2  . MEA A 1 2 ? -4.041 -3.410 0.666  1.00 0.00 ? 2 MEA A HC2  2 
HETATM 130 H HC3  . MEA A 1 2 ? -4.937 -1.963 0.206  1.00 0.00 ? 2 MEA A HC3  2 
HETATM 131 H HA   . MEA A 1 2 ? -1.903 -0.581 2.532  1.00 0.00 ? 2 MEA A HA   2 
HETATM 132 H HB1  . MEA A 1 2 ? -4.030 -1.612 4.189  1.00 0.00 ? 2 MEA A HB1  2 
HETATM 133 H HB2  . MEA A 1 2 ? -4.691 -0.732 2.815  1.00 0.00 ? 2 MEA A HB2  2 
HETATM 134 H HD1  . MEA A 1 2 ? -1.975 -0.370 5.346  1.00 0.00 ? 2 MEA A HD1  2 
HETATM 135 H HE1  . MEA A 1 2 ? -1.497 1.763  6.478  1.00 0.00 ? 2 MEA A HE1  2 
HETATM 136 H HZ   . MEA A 1 2 ? -2.790 3.778  5.900  1.00 0.00 ? 2 MEA A HZ   2 
HETATM 137 H HE2  . MEA A 1 2 ? -4.559 3.654  4.190  1.00 0.00 ? 2 MEA A HE2  2 
HETATM 138 H HD2  . MEA A 1 2 ? -5.030 1.518  3.062  1.00 0.00 ? 2 MEA A HD2  2 
ATOM   139 N N    . PRO A 1 3 ? -0.804 -2.539 3.701  1.00 0.00 ? 3 PRO A N    2 
ATOM   140 C CA   . PRO A 1 3 ? -0.005 -1.319 3.770  1.00 0.00 ? 3 PRO A CA   2 
ATOM   141 C C    . PRO A 1 3 ? 1.005  -1.207 2.631  1.00 0.00 ? 3 PRO A C    2 
ATOM   142 O O    . PRO A 1 3 ? 2.201  -1.428 2.820  1.00 0.00 ? 3 PRO A O    2 
ATOM   143 C CB   . PRO A 1 3 ? 0.714  -1.500 5.102  1.00 0.00 ? 3 PRO A CB   2 
ATOM   144 C CG   . PRO A 1 3 ? 0.922  -2.979 5.229  1.00 0.00 ? 3 PRO A CG   2 
ATOM   145 C CD   . PRO A 1 3 ? -0.082 -3.657 4.318  1.00 0.00 ? 3 PRO A CD   2 
ATOM   146 H HA   . PRO A 1 3 ? -0.619 -0.434 3.803  1.00 0.00 ? 3 PRO A HA   2 
ATOM   147 H HB2  . PRO A 1 3 ? 1.656  -0.968 5.079  1.00 0.00 ? 3 PRO A HB2  2 
ATOM   148 H HB3  . PRO A 1 3 ? 0.098  -1.119 5.902  1.00 0.00 ? 3 PRO A HB3  2 
ATOM   149 H HG2  . PRO A 1 3 ? 1.926  -3.232 4.925  1.00 0.00 ? 3 PRO A HG2  2 
ATOM   150 H HG3  . PRO A 1 3 ? 0.757  -3.282 6.252  1.00 0.00 ? 3 PRO A HG3  2 
ATOM   151 H HD2  . PRO A 1 3 ? 0.426  -4.246 3.569  1.00 0.00 ? 3 PRO A HD2  2 
ATOM   152 H HD3  . PRO A 1 3 ? -0.752 -4.276 4.891  1.00 0.00 ? 3 PRO A HD3  2 
ATOM   153 N N    . ILE A 1 4 ? 0.513  -0.861 1.449  1.00 0.00 ? 4 ILE A N    2 
ATOM   154 C CA   . ILE A 1 4 ? 1.362  -0.717 0.272  1.00 0.00 ? 4 ILE A CA   2 
ATOM   155 C C    . ILE A 1 4 ? 1.238  0.690  -0.322 1.00 0.00 ? 4 ILE A C    2 
ATOM   156 O O    . ILE A 1 4 ? 0.152  1.105  -0.726 1.00 0.00 ? 4 ILE A O    2 
ATOM   157 C CB   . ILE A 1 4 ? 0.992  -1.762 -0.798 1.00 0.00 ? 4 ILE A CB   2 
ATOM   158 C CG1  . ILE A 1 4 ? 1.171  -3.176 -0.241 1.00 0.00 ? 4 ILE A CG1  2 
ATOM   159 C CG2  . ILE A 1 4 ? 1.832  -1.571 -2.055 1.00 0.00 ? 4 ILE A CG2  2 
ATOM   160 C CD1  . ILE A 1 4 ? 2.610  -3.527 0.076  1.00 0.00 ? 4 ILE A CD1  2 
ATOM   161 H H    . ILE A 1 4 ? -0.446 -0.701 1.364  1.00 0.00 ? 4 ILE A H    2 
ATOM   162 H HA   . ILE A 1 4 ? 2.385  -0.887 0.575  1.00 0.00 ? 4 ILE A HA   2 
ATOM   163 H HB   . ILE A 1 4 ? -0.044 -1.618 -1.059 1.00 0.00 ? 4 ILE A HB   2 
ATOM   164 H HG12 . ILE A 1 4 ? 0.600  -3.272 0.670  1.00 0.00 ? 4 ILE A HG12 2 
ATOM   165 H HG13 . ILE A 1 4 ? 0.807  -3.891 -0.965 1.00 0.00 ? 4 ILE A HG13 2 
ATOM   166 H HG21 . ILE A 1 4 ? 2.862  -1.405 -1.778 1.00 0.00 ? 4 ILE A HG21 2 
ATOM   167 H HG22 . ILE A 1 4 ? 1.465  -0.718 -2.606 1.00 0.00 ? 4 ILE A HG22 2 
ATOM   168 H HG23 . ILE A 1 4 ? 1.763  -2.455 -2.672 1.00 0.00 ? 4 ILE A HG23 2 
ATOM   169 H HD11 . ILE A 1 4 ? 2.664  -4.549 0.420  1.00 0.00 ? 4 ILE A HD11 2 
ATOM   170 H HD12 . ILE A 1 4 ? 2.979  -2.868 0.849  1.00 0.00 ? 4 ILE A HD12 2 
ATOM   171 H HD13 . ILE A 1 4 ? 3.213  -3.414 -0.812 1.00 0.00 ? 4 ILE A HD13 2 
ATOM   172 N N    . PRO A 1 5 ? 2.351  1.448  -0.379 1.00 0.00 ? 5 PRO A N    2 
ATOM   173 C CA   . PRO A 1 5 ? 2.351  2.814  -0.921 1.00 0.00 ? 5 PRO A CA   2 
ATOM   174 C C    . PRO A 1 5 ? 2.008  2.865  -2.408 1.00 0.00 ? 5 PRO A C    2 
ATOM   175 O O    . PRO A 1 5 ? 1.582  3.901  -2.918 1.00 0.00 ? 5 PRO A O    2 
ATOM   176 C CB   . PRO A 1 5 ? 3.786  3.297  -0.692 1.00 0.00 ? 5 PRO A CB   2 
ATOM   177 C CG   . PRO A 1 5 ? 4.595  2.053  -0.562 1.00 0.00 ? 5 PRO A CG   2 
ATOM   178 C CD   . PRO A 1 5 ? 3.691  1.041  0.081  1.00 0.00 ? 5 PRO A CD   2 
ATOM   179 H HA   . PRO A 1 5 ? 1.667  3.450  -0.378 1.00 0.00 ? 5 PRO A HA   2 
ATOM   180 H HB2  . PRO A 1 5 ? 4.108  3.892  -1.535 1.00 0.00 ? 5 PRO A HB2  2 
ATOM   181 H HB3  . PRO A 1 5 ? 3.829  3.890  0.210  1.00 0.00 ? 5 PRO A HB3  2 
ATOM   182 H HG2  . PRO A 1 5 ? 4.904  1.713  -1.540 1.00 0.00 ? 5 PRO A HG2  2 
ATOM   183 H HG3  . PRO A 1 5 ? 5.456  2.237  0.062  1.00 0.00 ? 5 PRO A HG3  2 
ATOM   184 H HD2  . PRO A 1 5 ? 3.932  0.046  -0.262 1.00 0.00 ? 5 PRO A HD2  2 
ATOM   185 H HD3  . PRO A 1 5 ? 3.763  1.099  1.157  1.00 0.00 ? 5 PRO A HD3  2 
HETATM 186 N N    . ITZ A 1 6 ? 2.225  1.767  -3.127 1.00 0.00 ? 6 ITZ A N    2 
HETATM 187 C CA   . ITZ A 1 6 ? 1.910  1.710  -4.550 1.00 0.00 ? 6 ITZ A CA   2 
HETATM 188 C CB   . ITZ A 1 6 ? 2.833  0.729  -5.299 1.00 0.00 ? 6 ITZ A CB   2 
HETATM 189 C CG1  . ITZ A 1 6 ? 2.564  0.789  -6.804 1.00 0.00 ? 6 ITZ A CG1  2 
HETATM 190 C CG2  . ITZ A 1 6 ? 2.641  -0.687 -4.778 1.00 0.00 ? 6 ITZ A CG2  2 
HETATM 191 C CD1  . ITZ A 1 6 ? 2.729  2.172  -7.393 1.00 0.00 ? 6 ITZ A CD1  2 
HETATM 192 C CB1  . ITZ A 1 6 ? 0.446  1.365  -4.713 1.00 0.00 ? 6 ITZ A CB1  2 
HETATM 193 N NG1  . ITZ A 1 6 ? -0.269 0.762  -3.804 1.00 0.00 ? 6 ITZ A NG1  2 
HETATM 194 S SG1  . ITZ A 1 6 ? -0.424 1.751  -6.164 1.00 0.00 ? 6 ITZ A SG1  2 
HETATM 195 C CD3  . ITZ A 1 6 ? -1.568 0.585  -4.250 1.00 0.00 ? 6 ITZ A CD3  2 
HETATM 196 C CD2  . ITZ A 1 6 ? -1.829 1.054  -5.491 1.00 0.00 ? 6 ITZ A CD2  2 
HETATM 197 C C    . ITZ A 1 6 ? -2.578 -0.087 -3.393 1.00 0.00 ? 6 ITZ A C    2 
HETATM 198 O O    . ITZ A 1 6 ? -3.733 -0.260 -3.777 1.00 0.00 ? 6 ITZ A O    2 
HETATM 199 H H    . ITZ A 1 6 ? 2.642  0.993  -2.695 1.00 0.00 ? 6 ITZ A H    2 
HETATM 200 H HA   . ITZ A 1 6 ? 2.048  2.699  -4.964 1.00 0.00 ? 6 ITZ A HA   2 
HETATM 201 H HB   . ITZ A 1 6 ? 3.856  1.019  -5.112 1.00 0.00 ? 6 ITZ A HB   2 
HETATM 202 H HG12 . ITZ A 1 6 ? 3.252  0.129  -7.312 1.00 0.00 ? 6 ITZ A HG12 2 
HETATM 203 H HG11 . ITZ A 1 6 ? 1.553  0.463  -6.996 1.00 0.00 ? 6 ITZ A HG11 2 
HETATM 204 H HG23 . ITZ A 1 6 ? 2.908  -1.394 -5.550 1.00 0.00 ? 6 ITZ A HG23 2 
HETATM 205 H HG21 . ITZ A 1 6 ? 1.609  -0.832 -4.500 1.00 0.00 ? 6 ITZ A HG21 2 
HETATM 206 H HG22 . ITZ A 1 6 ? 3.272  -0.842 -3.915 1.00 0.00 ? 6 ITZ A HG22 2 
HETATM 207 H HD11 . ITZ A 1 6 ? 1.947  2.818  -7.018 1.00 0.00 ? 6 ITZ A HD11 2 
HETATM 208 H HD12 . ITZ A 1 6 ? 2.663  2.117  -8.469 1.00 0.00 ? 6 ITZ A HD12 2 
HETATM 209 H HD13 . ITZ A 1 6 ? 3.691  2.572  -7.110 1.00 0.00 ? 6 ITZ A HD13 2 
HETATM 210 H HQ   . ITZ A 1 6 ? -2.657 1.013  -5.939 1.00 0.00 ? 6 ITZ A HQ   2 
ATOM   211 N N    . ALA A 1 1 ? -2.155 -0.640 -2.155 1.00 0.00 ? 1 ALA A N    3 
ATOM   212 C CA   . ALA A 1 1 ? -3.085 -1.257 -1.216 1.00 0.00 ? 1 ALA A CA   3 
ATOM   213 C C    . ALA A 1 1 ? -2.445 -1.429 0.166  1.00 0.00 ? 1 ALA A C    3 
ATOM   214 O O    . ALA A 1 1 ? -1.460 -2.153 0.302  1.00 0.00 ? 1 ALA A O    3 
ATOM   215 C CB   . ALA A 1 1 ? -3.552 -2.604 -1.749 1.00 0.00 ? 1 ALA A CB   3 
ATOM   216 H H1   . ALA A 1 1 ? -1.244 -0.427 -1.862 1.00 0.00 ? 1 ALA A H1   3 
ATOM   217 H HA   . ALA A 1 1 ? -3.949 -0.614 -1.134 1.00 0.00 ? 1 ALA A HA   3 
ATOM   218 H HB1  . ALA A 1 1 ? -2.722 -3.116 -2.213 1.00 0.00 ? 1 ALA A HB1  3 
ATOM   219 H HB2  . ALA A 1 1 ? -4.334 -2.452 -2.478 1.00 0.00 ? 1 ALA A HB2  3 
ATOM   220 H HB3  . ALA A 1 1 ? -3.933 -3.201 -0.932 1.00 0.00 ? 1 ALA A HB3  3 
HETATM 221 C C1   . MEA A 1 2 ? -3.604 0.537  0.801  1.00 0.00 ? 2 MEA A C1   3 
HETATM 222 N N    . MEA A 1 2 ? -3.009 -0.777 1.197  1.00 0.00 ? 2 MEA A N    3 
HETATM 223 C CA   . MEA A 1 2 ? -2.462 -0.910 2.552  1.00 0.00 ? 2 MEA A CA   3 
HETATM 224 C C    . MEA A 1 2 ? -2.136 -2.373 2.877  1.00 0.00 ? 2 MEA A C    3 
HETATM 225 O O    . MEA A 1 2 ? -2.953 -3.260 2.630  1.00 0.00 ? 2 MEA A O    3 
HETATM 226 C CB   . MEA A 1 2 ? -3.452 -0.362 3.587  1.00 0.00 ? 2 MEA A CB   3 
HETATM 227 C CG   . MEA A 1 2 ? -2.900 0.772  4.405  1.00 0.00 ? 2 MEA A CG   3 
HETATM 228 C CD1  . MEA A 1 2 ? -3.102 0.814  5.775  1.00 0.00 ? 2 MEA A CD1  3 
HETATM 229 C CE1  . MEA A 1 2 ? -2.596 1.855  6.531  1.00 0.00 ? 2 MEA A CE1  3 
HETATM 230 C CZ   . MEA A 1 2 ? -1.880 2.867  5.921  1.00 0.00 ? 2 MEA A CZ   3 
HETATM 231 C CE2  . MEA A 1 2 ? -1.672 2.835  4.556  1.00 0.00 ? 2 MEA A CE2  3 
HETATM 232 C CD2  . MEA A 1 2 ? -2.181 1.792  3.805  1.00 0.00 ? 2 MEA A CD2  3 
HETATM 233 H HC1  . MEA A 1 2 ? -3.619 1.200  1.655  1.00 0.00 ? 2 MEA A HC1  3 
HETATM 234 H HC2  . MEA A 1 2 ? -4.612 0.384  0.446  1.00 0.00 ? 2 MEA A HC2  3 
HETATM 235 H HC3  . MEA A 1 2 ? -3.009 0.980  0.016  1.00 0.00 ? 2 MEA A HC3  3 
HETATM 236 H HA   . MEA A 1 2 ? -1.557 -0.328 2.597  1.00 0.00 ? 2 MEA A HA   3 
HETATM 237 H HB1  . MEA A 1 2 ? -3.732 -1.156 4.265  1.00 0.00 ? 2 MEA A HB1  3 
HETATM 238 H HB2  . MEA A 1 2 ? -4.335 -0.005 3.079  1.00 0.00 ? 2 MEA A HB2  3 
HETATM 239 H HD1  . MEA A 1 2 ? -3.661 0.024  6.253  1.00 0.00 ? 2 MEA A HD1  3 
HETATM 240 H HE1  . MEA A 1 2 ? -2.761 1.876  7.599  1.00 0.00 ? 2 MEA A HE1  3 
HETATM 241 H HZ   . MEA A 1 2 ? -1.484 3.680  6.509  1.00 0.00 ? 2 MEA A HZ   3 
HETATM 242 H HE2  . MEA A 1 2 ? -1.113 3.625  4.076  1.00 0.00 ? 2 MEA A HE2  3 
HETATM 243 H HD2  . MEA A 1 2 ? -2.017 1.769  2.737  1.00 0.00 ? 2 MEA A HD2  3 
ATOM   244 N N    . PRO A 1 3 ? -0.938 -2.653 3.433  1.00 0.00 ? 3 PRO A N    3 
ATOM   245 C CA   . PRO A 1 3 ? 0.074  -1.652 3.752  1.00 0.00 ? 3 PRO A CA   3 
ATOM   246 C C    . PRO A 1 3 ? 1.110  -1.485 2.644  1.00 0.00 ? 3 PRO A C    3 
ATOM   247 O O    . PRO A 1 3 ? 2.262  -1.896 2.790  1.00 0.00 ? 3 PRO A O    3 
ATOM   248 C CB   . PRO A 1 3 ? 0.714  -2.248 4.999  1.00 0.00 ? 3 PRO A CB   3 
ATOM   249 C CG   . PRO A 1 3 ? 0.661  -3.728 4.778  1.00 0.00 ? 3 PRO A CG   3 
ATOM   250 C CD   . PRO A 1 3 ? -0.477 -3.997 3.814  1.00 0.00 ? 3 PRO A CD   3 
ATOM   251 H HA   . PRO A 1 3 ? -0.365 -0.696 3.986  1.00 0.00 ? 3 PRO A HA   3 
ATOM   252 H HB2  . PRO A 1 3 ? 1.731  -1.896 5.088  1.00 0.00 ? 3 PRO A HB2  3 
ATOM   253 H HB3  . PRO A 1 3 ? 0.149  -1.960 5.871  1.00 0.00 ? 3 PRO A HB3  3 
ATOM   254 H HG2  . PRO A 1 3 ? 1.594  -4.066 4.354  1.00 0.00 ? 3 PRO A HG2  3 
ATOM   255 H HG3  . PRO A 1 3 ? 0.478  -4.229 5.718  1.00 0.00 ? 3 PRO A HG3  3 
ATOM   256 H HD2  . PRO A 1 3 ? -0.118 -4.538 2.950  1.00 0.00 ? 3 PRO A HD2  3 
ATOM   257 H HD3  . PRO A 1 3 ? -1.264 -4.549 4.305  1.00 0.00 ? 3 PRO A HD3  3 
ATOM   258 N N    . ILE A 1 4 ? 0.694  -0.883 1.536  1.00 0.00 ? 4 ILE A N    3 
ATOM   259 C CA   . ILE A 1 4 ? 1.583  -0.663 0.406  1.00 0.00 ? 4 ILE A CA   3 
ATOM   260 C C    . ILE A 1 4 ? 1.260  0.664  -0.283 1.00 0.00 ? 4 ILE A C    3 
ATOM   261 O O    . ILE A 1 4 ? 0.164  0.845  -0.812 1.00 0.00 ? 4 ILE A O    3 
ATOM   262 C CB   . ILE A 1 4 ? 1.468  -1.816 -0.611 1.00 0.00 ? 4 ILE A CB   3 
ATOM   263 C CG1  . ILE A 1 4 ? 2.008  -3.113 -0.004 1.00 0.00 ? 4 ILE A CG1  3 
ATOM   264 C CG2  . ILE A 1 4 ? 2.206  -1.482 -1.903 1.00 0.00 ? 4 ILE A CG2  3 
ATOM   265 C CD1  . ILE A 1 4 ? 3.499  -3.087 0.257  1.00 0.00 ? 4 ILE A CD1  3 
ATOM   266 H H    . ILE A 1 4 ? -0.234 -0.581 1.476  1.00 0.00 ? 4 ILE A H    3 
ATOM   267 H HA   . ILE A 1 4 ? 2.596  -0.636 0.779  1.00 0.00 ? 4 ILE A HA   3 
ATOM   268 H HB   . ILE A 1 4 ? 0.423  -1.948 -0.845 1.00 0.00 ? 4 ILE A HB   3 
ATOM   269 H HG12 . ILE A 1 4 ? 1.511  -3.297 0.936  1.00 0.00 ? 4 ILE A HG12 3 
ATOM   270 H HG13 . ILE A 1 4 ? 1.803  -3.931 -0.681 1.00 0.00 ? 4 ILE A HG13 3 
ATOM   271 H HG21 . ILE A 1 4 ? 2.525  -2.395 -2.382 1.00 0.00 ? 4 ILE A HG21 3 
ATOM   272 H HG22 . ILE A 1 4 ? 3.069  -0.874 -1.677 1.00 0.00 ? 4 ILE A HG22 3 
ATOM   273 H HG23 . ILE A 1 4 ? 1.546  -0.939 -2.564 1.00 0.00 ? 4 ILE A HG23 3 
ATOM   274 H HD11 . ILE A 1 4 ? 3.680  -2.788 1.279  1.00 0.00 ? 4 ILE A HD11 3 
ATOM   275 H HD12 . ILE A 1 4 ? 3.970  -2.383 -0.413 1.00 0.00 ? 4 ILE A HD12 3 
ATOM   276 H HD13 . ILE A 1 4 ? 3.910  -4.071 0.092  1.00 0.00 ? 4 ILE A HD13 3 
ATOM   277 N N    . PRO A 1 5 ? 2.211  1.617  -0.288 1.00 0.00 ? 5 PRO A N    3 
ATOM   278 C CA   . PRO A 1 5 ? 2.010  2.927  -0.917 1.00 0.00 ? 5 PRO A CA   3 
ATOM   279 C C    . PRO A 1 5 ? 1.741  2.816  -2.415 1.00 0.00 ? 5 PRO A C    3 
ATOM   280 O O    . PRO A 1 5 ? 1.149  3.712  -3.016 1.00 0.00 ? 5 PRO A O    3 
ATOM   281 C CB   . PRO A 1 5 ? 3.330  3.666  -0.662 1.00 0.00 ? 5 PRO A CB   3 
ATOM   282 C CG   . PRO A 1 5 ? 4.322  2.597  -0.358 1.00 0.00 ? 5 PRO A CG   3 
ATOM   283 C CD   . PRO A 1 5 ? 3.550  1.499  0.315  1.00 0.00 ? 5 PRO A CD   3 
ATOM   284 H HA   . PRO A 1 5 ? 1.199  3.467  -0.450 1.00 0.00 ? 5 PRO A HA   3 
ATOM   285 H HB2  . PRO A 1 5 ? 3.609  4.221  -1.546 1.00 0.00 ? 5 PRO A HB2  3 
ATOM   286 H HB3  . PRO A 1 5 ? 3.211  4.341  0.171  1.00 0.00 ? 5 PRO A HB3  3 
ATOM   287 H HG2  . PRO A 1 5 ? 4.768  2.236  -1.272 1.00 0.00 ? 5 PRO A HG2  3 
ATOM   288 H HG3  . PRO A 1 5 ? 5.084  2.981  0.306  1.00 0.00 ? 5 PRO A HG3  3 
ATOM   289 H HD2  . PRO A 1 5 ? 3.991  0.538  0.094  1.00 0.00 ? 5 PRO A HD2  3 
ATOM   290 H HD3  . PRO A 1 5 ? 3.510  1.663  1.382  1.00 0.00 ? 5 PRO A HD3  3 
HETATM 291 N N    . ITZ A 1 6 ? 2.200  1.747  -3.100 1.00 0.00 ? 6 ITZ A N    3 
HETATM 292 C CA   . ITZ A 1 6 ? 1.913  1.680  -4.528 1.00 0.00 ? 6 ITZ A CA   3 
HETATM 293 C CB   . ITZ A 1 6 ? 2.879  0.718  -5.255 1.00 0.00 ? 6 ITZ A CB   3 
HETATM 294 C CG1  . ITZ A 1 6 ? 4.280  1.328  -5.319 1.00 0.00 ? 6 ITZ A CG1  3 
HETATM 295 C CG2  . ITZ A 1 6 ? 2.372  0.401  -6.657 1.00 0.00 ? 6 ITZ A CG2  3 
HETATM 296 C CD1  . ITZ A 1 6 ? 4.356  2.585  -6.159 1.00 0.00 ? 6 ITZ A CD1  3 
HETATM 297 C CB1  . ITZ A 1 6 ? 0.457  1.304  -4.711 1.00 0.00 ? 6 ITZ A CB1  3 
HETATM 298 N NG1  . ITZ A 1 6 ? -0.268 0.720  -3.799 1.00 0.00 ? 6 ITZ A NG1  3 
HETATM 299 S SG1  . ITZ A 1 6 ? -0.384 1.630  -6.193 1.00 0.00 ? 6 ITZ A SG1  3 
HETATM 300 C CD3  . ITZ A 1 6 ? -1.554 0.507  -4.268 1.00 0.00 ? 6 ITZ A CD3  3 
HETATM 301 C CD2  . ITZ A 1 6 ? -1.792 0.932  -5.529 1.00 0.00 ? 6 ITZ A CD2  3 
HETATM 302 C C    . ITZ A 1 6 ? -2.573 -0.153 -3.413 1.00 0.00 ? 6 ITZ A C    3 
HETATM 303 O O    . ITZ A 1 6 ? -3.717 -0.355 -3.817 1.00 0.00 ? 6 ITZ A O    3 
HETATM 304 H H    . ITZ A 1 6 ? 2.546  0.953  -2.643 1.00 0.00 ? 6 ITZ A H    3 
HETATM 305 H HA   . ITZ A 1 6 ? 2.035  2.672  -4.941 1.00 0.00 ? 6 ITZ A HA   3 
HETATM 306 H HB   . ITZ A 1 6 ? 2.921  -0.205 -4.697 1.00 0.00 ? 6 ITZ A HB   3 
HETATM 307 H HG12 . ITZ A 1 6 ? 4.603  1.578  -4.319 1.00 0.00 ? 6 ITZ A HG12 3 
HETATM 308 H HG11 . ITZ A 1 6 ? 4.962  0.604  -5.741 1.00 0.00 ? 6 ITZ A HG11 3 
HETATM 309 H HG23 . ITZ A 1 6 ? 1.528  -0.270 -6.592 1.00 0.00 ? 6 ITZ A HG23 3 
HETATM 310 H HG21 . ITZ A 1 6 ? 3.162  -0.067 -7.228 1.00 0.00 ? 6 ITZ A HG21 3 
HETATM 311 H HG22 . ITZ A 1 6 ? 2.068  1.314  -7.146 1.00 0.00 ? 6 ITZ A HG22 3 
HETATM 312 H HD11 . ITZ A 1 6 ? 5.372  2.738  -6.489 1.00 0.00 ? 6 ITZ A HD11 3 
HETATM 313 H HD12 . ITZ A 1 6 ? 4.038  3.433  -5.569 1.00 0.00 ? 6 ITZ A HD12 3 
HETATM 314 H HD13 . ITZ A 1 6 ? 3.710  2.482  -7.018 1.00 0.00 ? 6 ITZ A HD13 3 
HETATM 315 H HQ   . ITZ A 1 6 ? -2.609 0.863  -5.995 1.00 0.00 ? 6 ITZ A HQ   3 
ATOM   316 N N    . ALA A 1 1 ? -2.173 -0.624 -2.166 1.00 0.00 ? 1 ALA A N    4 
ATOM   317 C CA   . ALA A 1 1 ? -3.108 -1.236 -1.228 1.00 0.00 ? 1 ALA A CA   4 
ATOM   318 C C    . ALA A 1 1 ? -2.462 -1.431 0.149  1.00 0.00 ? 1 ALA A C    4 
ATOM   319 O O    . ALA A 1 1 ? -1.500 -2.190 0.276  1.00 0.00 ? 1 ALA A O    4 
ATOM   320 C CB   . ALA A 1 1 ? -3.596 -2.572 -1.771 1.00 0.00 ? 1 ALA A CB   4 
ATOM   321 H H1   . ALA A 1 1 ? -1.261 -0.418 -1.872 1.00 0.00 ? 1 ALA A H1   4 
ATOM   322 H HA   . ALA A 1 1 ? -3.962 -0.583 -1.133 1.00 0.00 ? 1 ALA A HA   4 
ATOM   323 H HB1  . ALA A 1 1 ? -3.906 -3.202 -0.950 1.00 0.00 ? 1 ALA A HB1  4 
ATOM   324 H HB2  . ALA A 1 1 ? -2.796 -3.054 -2.313 1.00 0.00 ? 1 ALA A HB2  4 
ATOM   325 H HB3  . ALA A 1 1 ? -4.432 -2.407 -2.434 1.00 0.00 ? 1 ALA A HB3  4 
HETATM 326 C C1   . MEA A 1 2 ? -3.532 0.580  0.788  1.00 0.00 ? 2 MEA A C1   4 
HETATM 327 N N    . MEA A 1 2 ? -2.994 -0.759 1.185  1.00 0.00 ? 2 MEA A N    4 
HETATM 328 C CA   . MEA A 1 2 ? -2.447 -0.907 2.537  1.00 0.00 ? 2 MEA A CA   4 
HETATM 329 C C    . MEA A 1 2 ? -2.114 -2.372 2.847  1.00 0.00 ? 2 MEA A C    4 
HETATM 330 O O    . MEA A 1 2 ? -2.919 -3.263 2.576  1.00 0.00 ? 2 MEA A O    4 
HETATM 331 C CB   . MEA A 1 2 ? -3.440 -0.375 3.576  1.00 0.00 ? 2 MEA A CB   4 
HETATM 332 C CG   . MEA A 1 2 ? -2.877 0.720  4.436  1.00 0.00 ? 2 MEA A CG   4 
HETATM 333 C CD1  . MEA A 1 2 ? -3.080 0.718  5.806  1.00 0.00 ? 2 MEA A CD1  4 
HETATM 334 C CE1  . MEA A 1 2 ? -2.561 1.724  6.599  1.00 0.00 ? 2 MEA A CE1  4 
HETATM 335 C CZ   . MEA A 1 2 ? -1.832 2.746  6.025  1.00 0.00 ? 2 MEA A CZ   4 
HETATM 336 C CE2  . MEA A 1 2 ? -1.622 2.761  4.660  1.00 0.00 ? 2 MEA A CE2  4 
HETATM 337 C CD2  . MEA A 1 2 ? -2.143 1.752  3.872  1.00 0.00 ? 2 MEA A CD2  4 
HETATM 338 H HC1  . MEA A 1 2 ? -4.551 0.474  0.447  1.00 0.00 ? 2 MEA A HC1  4 
HETATM 339 H HC2  . MEA A 1 2 ? -2.927 0.991  -0.008 1.00 0.00 ? 2 MEA A HC2  4 
HETATM 340 H HC3  . MEA A 1 2 ? -3.506 1.246  1.638  1.00 0.00 ? 2 MEA A HC3  4 
HETATM 341 H HA   . MEA A 1 2 ? -1.544 -0.322 2.590  1.00 0.00 ? 2 MEA A HA   4 
HETATM 342 H HB1  . MEA A 1 2 ? -3.745 -1.183 4.223  1.00 0.00 ? 2 MEA A HB1  4 
HETATM 343 H HB2  . MEA A 1 2 ? -4.308 0.018  3.066  1.00 0.00 ? 2 MEA A HB2  4 
HETATM 344 H HD1  . MEA A 1 2 ? -3.651 -0.082 6.256  1.00 0.00 ? 2 MEA A HD1  4 
HETATM 345 H HE1  . MEA A 1 2 ? -2.727 1.711  7.666  1.00 0.00 ? 2 MEA A HE1  4 
HETATM 346 H HZ   . MEA A 1 2 ? -1.425 3.534  6.643  1.00 0.00 ? 2 MEA A HZ   4 
HETATM 347 H HE2  . MEA A 1 2 ? -1.051 3.559  4.208  1.00 0.00 ? 2 MEA A HE2  4 
HETATM 348 H HD2  . MEA A 1 2 ? -1.979 1.764  2.804  1.00 0.00 ? 2 MEA A HD2  4 
ATOM   349 N N    . PRO A 1 3 ? -0.923 -2.648 3.418  1.00 0.00 ? 3 PRO A N    4 
ATOM   350 C CA   . PRO A 1 3 ? 0.074  -1.642 3.765  1.00 0.00 ? 3 PRO A CA   4 
ATOM   351 C C    . PRO A 1 3 ? 1.125  -1.454 2.675  1.00 0.00 ? 3 PRO A C    4 
ATOM   352 O O    . PRO A 1 3 ? 2.295  -1.794 2.860  1.00 0.00 ? 3 PRO A O    4 
ATOM   353 C CB   . PRO A 1 3 ? 0.702  -2.246 5.015  1.00 0.00 ? 3 PRO A CB   4 
ATOM   354 C CG   . PRO A 1 3 ? 0.642  -3.727 4.799  1.00 0.00 ? 3 PRO A CG   4 
ATOM   355 C CD   . PRO A 1 3 ? -0.455 -3.991 3.786  1.00 0.00 ? 3 PRO A CD   4 
ATOM   356 H HA   . PRO A 1 3 ? -0.377 -0.693 4.003  1.00 0.00 ? 3 PRO A HA   4 
ATOM   357 H HB2  . PRO A 1 3 ? 1.721  -1.900 5.111  1.00 0.00 ? 3 PRO A HB2  4 
ATOM   358 H HB3  . PRO A 1 3 ? 0.133  -1.952 5.885  1.00 0.00 ? 3 PRO A HB3  4 
ATOM   359 H HG2  . PRO A 1 3 ? 1.590  -4.077 4.417  1.00 0.00 ? 3 PRO A HG2  4 
ATOM   360 H HG3  . PRO A 1 3 ? 0.413  -4.221 5.732  1.00 0.00 ? 3 PRO A HG3  4 
ATOM   361 H HD2  . PRO A 1 3 ? -0.055 -4.507 2.925  1.00 0.00 ? 3 PRO A HD2  4 
ATOM   362 H HD3  . PRO A 1 3 ? -1.250 -4.567 4.235  1.00 0.00 ? 3 PRO A HD3  4 
ATOM   363 N N    . ILE A 1 4 ? 0.704  -0.909 1.540  1.00 0.00 ? 4 ILE A N    4 
ATOM   364 C CA   . ILE A 1 4 ? 1.604  -0.675 0.422  1.00 0.00 ? 4 ILE A CA   4 
ATOM   365 C C    . ILE A 1 4 ? 1.265  0.647  -0.272 1.00 0.00 ? 4 ILE A C    4 
ATOM   366 O O    . ILE A 1 4 ? 0.167  0.809  -0.805 1.00 0.00 ? 4 ILE A O    4 
ATOM   367 C CB   . ILE A 1 4 ? 1.525  -1.836 -0.593 1.00 0.00 ? 4 ILE A CB   4 
ATOM   368 C CG1  . ILE A 1 4 ? 2.183  -3.089 -0.014 1.00 0.00 ? 4 ILE A CG1  4 
ATOM   369 C CG2  . ILE A 1 4 ? 2.179  -1.454 -1.916 1.00 0.00 ? 4 ILE A CG2  4 
ATOM   370 C CD1  . ILE A 1 4 ? 1.682  -4.376 -0.633 1.00 0.00 ? 4 ILE A CD1  4 
ATOM   371 H H    . ILE A 1 4 ? -0.237 -0.660 1.451  1.00 0.00 ? 4 ILE A H    4 
ATOM   372 H HA   . ILE A 1 4 ? 2.611  -0.628 0.809  1.00 0.00 ? 4 ILE A HA   4 
ATOM   373 H HB   . ILE A 1 4 ? 0.482  -2.042 -0.780 1.00 0.00 ? 4 ILE A HB   4 
ATOM   374 H HG12 . ILE A 1 4 ? 3.249  -3.037 -0.177 1.00 0.00 ? 4 ILE A HG12 4 
ATOM   375 H HG13 . ILE A 1 4 ? 1.987  -3.133 1.047  1.00 0.00 ? 4 ILE A HG13 4 
ATOM   376 H HG21 . ILE A 1 4 ? 2.474  -2.349 -2.443 1.00 0.00 ? 4 ILE A HG21 4 
ATOM   377 H HG22 . ILE A 1 4 ? 3.051  -0.846 -1.725 1.00 0.00 ? 4 ILE A HG22 4 
ATOM   378 H HG23 . ILE A 1 4 ? 1.475  -0.897 -2.517 1.00 0.00 ? 4 ILE A HG23 4 
ATOM   379 H HD11 . ILE A 1 4 ? 2.194  -4.549 -1.567 1.00 0.00 ? 4 ILE A HD11 4 
ATOM   380 H HD12 . ILE A 1 4 ? 0.620  -4.298 -0.813 1.00 0.00 ? 4 ILE A HD12 4 
ATOM   381 H HD13 . ILE A 1 4 ? 1.874  -5.198 0.040  1.00 0.00 ? 4 ILE A HD13 4 
ATOM   382 N N    . PRO A 1 5 ? 2.203  1.612  -0.277 1.00 0.00 ? 5 PRO A N    4 
ATOM   383 C CA   . PRO A 1 5 ? 1.985  2.919  -0.911 1.00 0.00 ? 5 PRO A CA   4 
ATOM   384 C C    . PRO A 1 5 ? 1.711  2.800  -2.407 1.00 0.00 ? 5 PRO A C    4 
ATOM   385 O O    . PRO A 1 5 ? 1.092  3.679  -3.005 1.00 0.00 ? 5 PRO A O    4 
ATOM   386 C CB   . PRO A 1 5 ? 3.299  3.672  -0.666 1.00 0.00 ? 5 PRO A CB   4 
ATOM   387 C CG   . PRO A 1 5 ? 4.301  2.618  -0.345 1.00 0.00 ? 5 PRO A CG   4 
ATOM   388 C CD   . PRO A 1 5 ? 3.541  1.514  0.331  1.00 0.00 ? 5 PRO A CD   4 
ATOM   389 H HA   . PRO A 1 5 ? 1.171  3.450  -0.441 1.00 0.00 ? 5 PRO A HA   4 
ATOM   390 H HB2  . PRO A 1 5 ? 3.572  4.218  -1.557 1.00 0.00 ? 5 PRO A HB2  4 
ATOM   391 H HB3  . PRO A 1 5 ? 3.173  4.360  0.157  1.00 0.00 ? 5 PRO A HB3  4 
ATOM   392 H HG2  . PRO A 1 5 ? 4.760  2.258  -1.253 1.00 0.00 ? 5 PRO A HG2  4 
ATOM   393 H HG3  . PRO A 1 5 ? 5.053  3.017  0.322  1.00 0.00 ? 5 PRO A HG3  4 
ATOM   394 H HD2  . PRO A 1 5 ? 3.994  0.558  0.115  1.00 0.00 ? 5 PRO A HD2  4 
ATOM   395 H HD3  . PRO A 1 5 ? 3.493  1.683  1.396  1.00 0.00 ? 5 PRO A HD3  4 
HETATM 396 N N    . ITZ A 1 6 ? 2.176  1.712  -3.012 1.00 0.00 ? 6 ITZ A N    4 
HETATM 397 C CA   . ITZ A 1 6 ? 1.979  1.488  -4.437 1.00 0.00 ? 6 ITZ A CA   4 
HETATM 398 C CB   . ITZ A 1 6 ? 2.983  0.460  -4.994 1.00 0.00 ? 6 ITZ A CB   4 
HETATM 399 C CG1  . ITZ A 1 6 ? 4.407  0.823  -4.568 1.00 0.00 ? 6 ITZ A CG1  4 
HETATM 400 C CG2  . ITZ A 1 6 ? 2.879  0.385  -6.510 1.00 0.00 ? 6 ITZ A CG2  4 
HETATM 401 C CD1  . ITZ A 1 6 ? 5.448  -0.173 -5.031 1.00 0.00 ? 6 ITZ A CD1  4 
HETATM 402 C CB1  . ITZ A 1 6 ? 0.544  1.073  -4.664 1.00 0.00 ? 6 ITZ A CB1  4 
HETATM 403 N NG1  . ITZ A 1 6 ? -0.212 0.527  -3.751 1.00 0.00 ? 6 ITZ A NG1  4 
HETATM 404 S SG1  . ITZ A 1 6 ? -0.236 1.296  -6.198 1.00 0.00 ? 6 ITZ A SG1  4 
HETATM 405 C CD3  . ITZ A 1 6 ? -1.470 0.262  -4.261 1.00 0.00 ? 6 ITZ A CD3  4 
HETATM 406 C CD2  . ITZ A 1 6 ? -1.660 0.608  -5.554 1.00 0.00 ? 6 ITZ A CD2  4 
HETATM 407 C C    . ITZ A 1 6 ? -2.519 -0.362 -3.415 1.00 0.00 ? 6 ITZ A C    4 
HETATM 408 O O    . ITZ A 1 6 ? -3.640 -0.600 -3.861 1.00 0.00 ? 6 ITZ A O    4 
HETATM 409 H H    . ITZ A 1 6 ? 2.641  1.031  -2.481 1.00 0.00 ? 6 ITZ A H    4 
HETATM 410 H HA   . ITZ A 1 6 ? 2.124  2.428  -4.950 1.00 0.00 ? 6 ITZ A HA   4 
HETATM 411 H HB   . ITZ A 1 6 ? 2.731  -0.510 -4.593 1.00 0.00 ? 6 ITZ A HB   4 
HETATM 412 H HG12 . ITZ A 1 6 ? 4.665  1.786  -4.981 1.00 0.00 ? 6 ITZ A HG12 4 
HETATM 413 H HG11 . ITZ A 1 6 ? 4.452  0.874  -3.491 1.00 0.00 ? 6 ITZ A HG11 4 
HETATM 414 H HG23 . ITZ A 1 6 ? 3.766  -0.083 -6.910 1.00 0.00 ? 6 ITZ A HG23 4 
HETATM 415 H HG21 . ITZ A 1 6 ? 2.785  1.382  -6.915 1.00 0.00 ? 6 ITZ A HG21 4 
HETATM 416 H HG22 . ITZ A 1 6 ? 2.011  -0.198 -6.783 1.00 0.00 ? 6 ITZ A HG22 4 
HETATM 417 H HD11 . ITZ A 1 6 ? 5.745  -0.796 -4.201 1.00 0.00 ? 6 ITZ A HD11 4 
HETATM 418 H HD12 . ITZ A 1 6 ? 6.310  0.358  -5.408 1.00 0.00 ? 6 ITZ A HD12 4 
HETATM 419 H HD13 . ITZ A 1 6 ? 5.034  -0.789 -5.814 1.00 0.00 ? 6 ITZ A HD13 4 
HETATM 420 H HQ   . ITZ A 1 6 ? -2.454 0.497  -6.050 1.00 0.00 ? 6 ITZ A HQ   4 
# 
